data_4ZZ1
#
_entry.id   4ZZ1
#
_cell.length_a   75.344
_cell.length_b   75.344
_cell.length_c   100.736
_cell.angle_alpha   90.000
_cell.angle_beta   90.000
_cell.angle_gamma   120.000
#
_symmetry.space_group_name_H-M   'P 32 2 1'
#
loop_
_entity.id
_entity.type
_entity.pdbx_description
1 polymer 'Trifunctional purine biosynthetic protein adenosine-3'
2 non-polymer 'GLYCINAMIDE RIBONUCLEOTIDE'
3 non-polymer '(S)-2-({4-[3-(2-Amino-4-oxo-4,7-dihydro-3H-pyrrolo[2,3-d]pyrimidin-6-yl)-propyl]-thiophene-2-carbonyl}-amino)-pentanedioic acid'
4 water water
#
_entity_poly.entity_id   1
_entity_poly.type   'polypeptide(L)'
_entity_poly.pdbx_seq_one_letter_code
;MARVAVLISGTGSNLQALIDSTREPNSSAQIDIVISNKAAVAGLDKAERAGIPTRVINHKLYKNRVEFDSAIDLVLEEFS
IDIVCLAGFMRILSGPFVQKWNGKMLNIHPSLLPSFKGSNAHEQALETGVTVTGCTVHFVAEDVDAGQIILQEAVPVKRG
DTVATLSERVKLAEHKIFPAALQLVASGTVQLGENGKICWVKEEHHHHHH
;
_entity_poly.pdbx_strand_id   A
#
# COMPACT_ATOMS: atom_id res chain seq x y z
N ALA A 2 -7.58 8.25 -12.83
CA ALA A 2 -6.85 8.77 -11.68
C ALA A 2 -5.39 8.38 -11.76
N ARG A 3 -4.53 9.31 -11.38
CA ARG A 3 -3.08 9.18 -11.47
C ARG A 3 -2.54 8.67 -10.14
N VAL A 4 -1.76 7.58 -10.20
CA VAL A 4 -1.36 6.87 -9.00
C VAL A 4 0.16 6.82 -8.83
N ALA A 5 0.61 7.07 -7.60
CA ALA A 5 1.98 6.78 -7.19
C ALA A 5 1.99 5.53 -6.33
N VAL A 6 2.93 4.64 -6.57
CA VAL A 6 3.10 3.49 -5.67
C VAL A 6 4.42 3.64 -4.93
N LEU A 7 4.34 3.61 -3.60
CA LEU A 7 5.51 3.70 -2.74
C LEU A 7 5.89 2.31 -2.25
N ILE A 8 7.19 1.99 -2.31
CA ILE A 8 7.68 0.67 -1.95
C ILE A 8 8.90 0.76 -1.07
N SER A 9 9.23 -0.34 -0.40
CA SER A 9 10.52 -0.45 0.30
C SER A 9 11.28 -1.72 -0.08
N GLY A 10 10.68 -2.61 -0.84
CA GLY A 10 11.30 -3.92 -1.03
C GLY A 10 10.98 -4.66 -2.32
N THR A 11 10.51 -5.89 -2.16
CA THR A 11 10.37 -6.84 -3.26
C THR A 11 9.44 -6.36 -4.38
N GLY A 12 8.29 -5.81 -4.00
CA GLY A 12 7.39 -5.22 -4.96
C GLY A 12 6.39 -6.17 -5.59
N SER A 13 6.06 -7.27 -4.92
CA SER A 13 5.01 -8.15 -5.44
C SER A 13 3.65 -7.44 -5.47
N ASN A 14 3.35 -6.63 -4.47
CA ASN A 14 2.11 -5.88 -4.52
C ASN A 14 2.13 -4.86 -5.66
N LEU A 15 3.26 -4.18 -5.84
CA LEU A 15 3.44 -3.30 -6.98
C LEU A 15 3.16 -4.02 -8.29
N GLN A 16 3.70 -5.23 -8.46
CA GLN A 16 3.48 -5.94 -9.72
C GLN A 16 2.00 -6.25 -9.94
N ALA A 17 1.30 -6.66 -8.89
CA ALA A 17 -0.13 -6.93 -9.04
C ALA A 17 -0.90 -5.66 -9.42
N LEU A 18 -0.49 -4.52 -8.87
CA LEU A 18 -1.10 -3.24 -9.24
C LEU A 18 -0.75 -2.84 -10.68
N ILE A 19 0.49 -3.08 -11.11
CA ILE A 19 0.84 -2.83 -12.51
C ILE A 19 -0.07 -3.65 -13.42
N ASP A 20 -0.20 -4.94 -13.13
CA ASP A 20 -1.01 -5.82 -13.97
C ASP A 20 -2.46 -5.33 -14.01
N SER A 21 -3.02 -5.01 -12.85
N SER A 21 -3.00 -5.02 -12.85
CA SER A 21 -4.43 -4.63 -12.80
CA SER A 21 -4.41 -4.63 -12.78
C SER A 21 -4.69 -3.28 -13.45
C SER A 21 -4.67 -3.29 -13.47
N THR A 22 -3.79 -2.32 -13.26
CA THR A 22 -4.04 -0.98 -13.75
C THR A 22 -3.81 -0.86 -15.25
N ARG A 23 -3.24 -1.90 -15.86
CA ARG A 23 -3.08 -1.92 -17.31
C ARG A 23 -4.23 -2.61 -18.04
N GLU A 24 -5.18 -3.19 -17.29
N GLU A 24 -5.16 -3.21 -17.31
CA GLU A 24 -6.39 -3.73 -17.88
CA GLU A 24 -6.36 -3.77 -17.94
C GLU A 24 -7.22 -2.61 -18.51
C GLU A 24 -7.22 -2.64 -18.50
N PRO A 25 -7.88 -2.88 -19.64
CA PRO A 25 -8.61 -1.79 -20.33
C PRO A 25 -9.57 -1.01 -19.44
N ASN A 26 -10.28 -1.67 -18.53
CA ASN A 26 -11.28 -0.96 -17.74
C ASN A 26 -10.73 -0.32 -16.48
N SER A 27 -9.41 -0.36 -16.30
CA SER A 27 -8.82 0.28 -15.14
C SER A 27 -9.05 1.78 -15.08
N SER A 28 -9.53 2.25 -13.93
N SER A 28 -9.51 2.27 -13.93
CA SER A 28 -9.71 3.68 -13.68
CA SER A 28 -9.69 3.70 -13.72
C SER A 28 -8.45 4.35 -13.13
C SER A 28 -8.47 4.35 -13.11
N ALA A 29 -7.39 3.57 -12.96
CA ALA A 29 -6.14 4.06 -12.37
C ALA A 29 -4.98 3.82 -13.33
N GLN A 30 -4.03 4.75 -13.36
CA GLN A 30 -2.77 4.58 -14.09
C GLN A 30 -1.64 4.83 -13.12
N ILE A 31 -0.60 4.00 -13.14
CA ILE A 31 0.55 4.22 -12.28
C ILE A 31 1.56 5.07 -13.02
N ASP A 32 1.83 6.25 -12.49
CA ASP A 32 2.69 7.21 -13.17
C ASP A 32 4.07 7.36 -12.55
N ILE A 33 4.25 6.88 -11.33
CA ILE A 33 5.54 6.99 -10.66
C ILE A 33 5.61 5.92 -9.56
N VAL A 34 6.81 5.35 -9.39
CA VAL A 34 7.09 4.44 -8.29
C VAL A 34 8.22 5.07 -7.48
N ILE A 35 8.01 5.18 -6.17
CA ILE A 35 8.99 5.78 -5.27
C ILE A 35 9.41 4.73 -4.26
N SER A 36 10.71 4.51 -4.14
CA SER A 36 11.26 3.67 -3.09
C SER A 36 12.06 4.51 -2.12
N ASN A 37 12.00 4.18 -0.84
CA ASN A 37 12.90 4.82 0.12
C ASN A 37 14.21 4.06 0.27
N LYS A 38 14.35 2.97 -0.49
CA LYS A 38 15.55 2.15 -0.43
C LYS A 38 16.07 1.86 -1.83
N ALA A 39 17.39 2.01 -2.00
CA ALA A 39 18.01 1.76 -3.29
C ALA A 39 18.12 0.26 -3.54
N ALA A 40 18.16 -0.11 -4.82
CA ALA A 40 18.54 -1.46 -5.23
C ALA A 40 17.61 -2.56 -4.73
N VAL A 41 16.33 -2.25 -4.59
CA VAL A 41 15.36 -3.28 -4.23
C VAL A 41 14.66 -3.78 -5.49
N ALA A 42 14.12 -5.00 -5.42
CA ALA A 42 13.58 -5.65 -6.61
C ALA A 42 12.36 -4.93 -7.19
N GLY A 43 11.63 -4.21 -6.35
CA GLY A 43 10.47 -3.46 -6.82
C GLY A 43 10.83 -2.42 -7.87
N LEU A 44 12.02 -1.83 -7.75
CA LEU A 44 12.49 -0.86 -8.73
C LEU A 44 12.72 -1.54 -10.07
N ASP A 45 13.26 -2.76 -10.05
CA ASP A 45 13.43 -3.54 -11.28
C ASP A 45 12.09 -3.81 -11.94
N LYS A 46 11.07 -4.15 -11.15
CA LYS A 46 9.77 -4.44 -11.71
C LYS A 46 9.16 -3.20 -12.36
N ALA A 47 9.32 -2.04 -11.71
CA ALA A 47 8.81 -0.81 -12.28
C ALA A 47 9.52 -0.48 -13.59
N GLU A 48 10.84 -0.59 -13.60
N GLU A 48 10.84 -0.62 -13.60
CA GLU A 48 11.61 -0.29 -14.80
CA GLU A 48 11.63 -0.29 -14.79
C GLU A 48 11.19 -1.19 -15.95
C GLU A 48 11.30 -1.21 -15.95
N ARG A 49 11.04 -2.48 -15.66
CA ARG A 49 10.68 -3.44 -16.70
C ARG A 49 9.31 -3.11 -17.30
N ALA A 50 8.44 -2.51 -16.49
CA ALA A 50 7.12 -2.10 -16.94
C ALA A 50 7.12 -0.72 -17.60
N GLY A 51 8.29 -0.08 -17.63
CA GLY A 51 8.41 1.23 -18.26
C GLY A 51 7.81 2.35 -17.43
N ILE A 52 7.79 2.16 -16.12
CA ILE A 52 7.27 3.18 -15.20
C ILE A 52 8.45 3.90 -14.54
N PRO A 53 8.43 5.24 -14.56
CA PRO A 53 9.50 6.03 -13.92
C PRO A 53 9.64 5.69 -12.44
N THR A 54 10.87 5.77 -11.94
CA THR A 54 11.15 5.53 -10.54
C THR A 54 11.97 6.66 -9.91
N ARG A 55 11.78 6.86 -8.61
N ARG A 55 11.80 6.84 -8.61
CA ARG A 55 12.65 7.71 -7.82
CA ARG A 55 12.63 7.75 -7.82
C ARG A 55 13.02 6.99 -6.54
C ARG A 55 12.98 7.12 -6.48
N VAL A 56 14.25 7.18 -6.10
CA VAL A 56 14.67 6.71 -4.80
C VAL A 56 14.83 7.93 -3.89
N ILE A 57 14.06 7.95 -2.81
CA ILE A 57 14.16 9.00 -1.81
C ILE A 57 14.55 8.35 -0.49
N ASN A 58 15.85 8.43 -0.17
CA ASN A 58 16.42 7.79 1.00
C ASN A 58 16.09 8.53 2.29
N HIS A 59 15.24 7.94 3.14
CA HIS A 59 14.82 8.61 4.37
C HIS A 59 15.97 8.91 5.32
N LYS A 60 17.06 8.15 5.19
CA LYS A 60 18.20 8.31 6.09
C LYS A 60 18.99 9.58 5.80
N LEU A 61 18.69 10.25 4.70
CA LEU A 61 19.38 11.48 4.33
C LEU A 61 18.68 12.72 4.88
N TYR A 62 17.54 12.51 5.55
CA TYR A 62 16.73 13.62 6.04
C TYR A 62 16.77 13.72 7.56
N LYS A 63 16.58 14.93 8.07
CA LYS A 63 16.71 15.19 9.51
C LYS A 63 15.59 14.57 10.31
N ASN A 64 14.42 14.48 9.70
CA ASN A 64 13.22 14.01 10.38
C ASN A 64 12.20 13.53 9.37
N ARG A 65 11.06 13.05 9.84
CA ARG A 65 10.03 12.53 8.96
C ARG A 65 9.43 13.61 8.07
N VAL A 66 9.22 14.80 8.63
CA VAL A 66 8.56 15.86 7.88
C VAL A 66 9.37 16.25 6.63
N GLU A 67 10.69 16.35 6.75
CA GLU A 67 11.51 16.70 5.59
C GLU A 67 11.52 15.60 4.53
N PHE A 68 11.57 14.35 4.98
CA PHE A 68 11.51 13.20 4.09
C PHE A 68 10.17 13.18 3.35
N ASP A 69 9.09 13.35 4.10
CA ASP A 69 7.75 13.36 3.51
C ASP A 69 7.58 14.52 2.51
N SER A 70 8.21 15.65 2.81
N SER A 70 8.22 15.65 2.80
CA SER A 70 8.16 16.80 1.90
CA SER A 70 8.15 16.79 1.89
C SER A 70 8.82 16.47 0.56
C SER A 70 8.84 16.50 0.57
N ALA A 71 9.90 15.70 0.62
CA ALA A 71 10.60 15.28 -0.60
C ALA A 71 9.71 14.34 -1.42
N ILE A 72 9.03 13.43 -0.74
CA ILE A 72 8.05 12.57 -1.42
C ILE A 72 6.97 13.43 -2.07
N ASP A 73 6.41 14.35 -1.28
CA ASP A 73 5.31 15.20 -1.75
C ASP A 73 5.68 15.99 -2.99
N LEU A 74 6.93 16.45 -3.07
CA LEU A 74 7.38 17.21 -4.22
C LEU A 74 7.27 16.35 -5.49
N VAL A 75 7.64 15.09 -5.38
CA VAL A 75 7.57 14.19 -6.53
C VAL A 75 6.10 13.89 -6.88
N LEU A 76 5.26 13.73 -5.86
CA LEU A 76 3.83 13.51 -6.10
C LEU A 76 3.23 14.67 -6.88
N GLU A 77 3.62 15.90 -6.52
CA GLU A 77 3.14 17.07 -7.22
C GLU A 77 3.70 17.13 -8.65
N GLU A 78 4.97 16.77 -8.80
CA GLU A 78 5.63 16.74 -10.10
C GLU A 78 4.85 15.88 -11.09
N PHE A 79 4.31 14.77 -10.60
CA PHE A 79 3.59 13.83 -11.46
C PHE A 79 2.08 13.99 -11.37
N SER A 80 1.63 15.10 -10.76
N SER A 80 1.63 15.09 -10.76
CA SER A 80 0.20 15.40 -10.65
CA SER A 80 0.21 15.42 -10.64
C SER A 80 -0.60 14.21 -10.14
C SER A 80 -0.61 14.23 -10.12
N ILE A 81 -0.13 13.62 -9.06
CA ILE A 81 -0.72 12.41 -8.53
C ILE A 81 -2.05 12.67 -7.80
N ASP A 82 -3.01 11.77 -8.00
CA ASP A 82 -4.31 11.83 -7.34
C ASP A 82 -4.40 10.88 -6.15
N ILE A 83 -3.79 9.70 -6.29
CA ILE A 83 -3.91 8.62 -5.30
C ILE A 83 -2.53 8.03 -5.02
N VAL A 84 -2.26 7.78 -3.76
CA VAL A 84 -1.00 7.16 -3.33
C VAL A 84 -1.28 5.77 -2.78
N CYS A 85 -0.55 4.77 -3.25
CA CYS A 85 -0.62 3.41 -2.69
C CYS A 85 0.68 3.06 -1.98
N LEU A 86 0.57 2.66 -0.72
CA LEU A 86 1.72 2.20 0.05
C LEU A 86 1.75 0.67 -0.06
N ALA A 87 2.78 0.16 -0.73
CA ALA A 87 2.82 -1.25 -1.14
C ALA A 87 4.12 -1.85 -0.67
N GLY A 88 4.14 -2.33 0.57
CA GLY A 88 5.38 -2.74 1.19
C GLY A 88 6.28 -1.58 1.62
N PHE A 89 5.73 -0.37 1.61
CA PHE A 89 6.43 0.81 2.10
C PHE A 89 6.45 0.79 3.63
N MET A 90 7.62 0.90 4.24
CA MET A 90 7.71 0.60 5.68
C MET A 90 7.94 1.81 6.58
N ARG A 91 7.78 3.02 6.05
CA ARG A 91 7.95 4.22 6.88
C ARG A 91 6.62 4.74 7.41
N ILE A 92 6.61 5.07 8.69
CA ILE A 92 5.54 5.83 9.30
C ILE A 92 5.58 7.26 8.75
N LEU A 93 4.45 7.75 8.26
CA LEU A 93 4.36 9.07 7.65
C LEU A 93 3.92 10.12 8.66
N SER A 94 4.40 11.35 8.48
CA SER A 94 4.07 12.45 9.37
C SER A 94 2.62 12.89 9.26
N GLY A 95 2.12 13.50 10.33
CA GLY A 95 0.75 13.98 10.39
C GLY A 95 0.32 14.87 9.24
N PRO A 96 1.07 15.94 8.97
CA PRO A 96 0.63 16.86 7.92
C PRO A 96 0.58 16.22 6.53
N PHE A 97 1.51 15.30 6.25
CA PHE A 97 1.51 14.60 4.96
C PHE A 97 0.26 13.73 4.84
N VAL A 98 -0.02 12.99 5.89
CA VAL A 98 -1.22 12.16 5.95
C VAL A 98 -2.48 13.00 5.80
N GLN A 99 -2.55 14.14 6.47
CA GLN A 99 -3.72 15.00 6.37
C GLN A 99 -3.90 15.53 4.95
N LYS A 100 -2.81 15.95 4.32
CA LYS A 100 -2.88 16.46 2.95
C LYS A 100 -3.47 15.42 2.00
N TRP A 101 -3.09 14.16 2.20
CA TRP A 101 -3.51 13.09 1.31
C TRP A 101 -4.69 12.31 1.85
N ASN A 102 -5.38 12.88 2.83
CA ASN A 102 -6.52 12.22 3.46
C ASN A 102 -7.59 11.84 2.44
N GLY A 103 -7.99 10.58 2.46
CA GLY A 103 -8.97 10.06 1.51
C GLY A 103 -8.39 9.70 0.15
N LYS A 104 -7.08 9.89 0.01
N LYS A 104 -7.08 9.84 0.00
CA LYS A 104 -6.36 9.70 -1.24
CA LYS A 104 -6.44 9.56 -1.29
C LYS A 104 -5.15 8.79 -1.12
C LYS A 104 -5.28 8.59 -1.18
N MET A 105 -4.97 8.16 0.04
CA MET A 105 -3.81 7.31 0.25
C MET A 105 -4.22 5.99 0.90
N LEU A 106 -3.78 4.90 0.28
CA LEU A 106 -4.17 3.54 0.65
C LEU A 106 -2.95 2.77 1.10
N ASN A 107 -3.13 1.87 2.07
CA ASN A 107 -2.07 0.99 2.55
C ASN A 107 -2.54 -0.45 2.55
N ILE A 108 -1.64 -1.39 2.27
CA ILE A 108 -1.93 -2.82 2.47
C ILE A 108 -1.17 -3.31 3.70
N HIS A 109 -1.88 -4.07 4.52
CA HIS A 109 -1.34 -4.55 5.79
C HIS A 109 -1.64 -6.03 5.88
N PRO A 110 -0.62 -6.86 6.23
CA PRO A 110 -0.81 -8.32 6.18
C PRO A 110 -1.40 -8.90 7.47
N SER A 111 -2.50 -8.33 7.93
CA SER A 111 -3.33 -8.95 8.95
C SER A 111 -4.77 -8.49 8.73
N LEU A 112 -5.70 -9.11 9.46
CA LEU A 112 -7.07 -8.60 9.53
C LEU A 112 -7.11 -7.54 10.63
N LEU A 113 -6.87 -6.30 10.26
CA LEU A 113 -6.97 -5.20 11.22
C LEU A 113 -8.38 -5.24 11.82
N PRO A 114 -8.51 -4.93 13.12
CA PRO A 114 -7.51 -4.26 13.96
C PRO A 114 -6.51 -5.19 14.67
N SER A 115 -6.53 -6.49 14.39
CA SER A 115 -5.51 -7.37 14.97
C SER A 115 -4.14 -7.12 14.35
N PHE A 116 -3.10 -7.24 15.17
CA PHE A 116 -1.70 -7.31 14.71
C PHE A 116 -1.25 -6.10 13.89
N LYS A 117 -1.49 -4.92 14.45
CA LYS A 117 -0.93 -3.70 13.90
C LYS A 117 0.59 -3.73 13.99
N GLY A 118 1.26 -3.02 13.10
CA GLY A 118 2.69 -2.85 13.22
C GLY A 118 3.49 -3.56 12.14
N SER A 119 4.80 -3.71 12.37
CA SER A 119 5.71 -4.10 11.31
C SER A 119 5.94 -5.60 11.17
N ASN A 120 5.49 -6.38 12.15
CA ASN A 120 5.73 -7.83 12.16
C ASN A 120 4.43 -8.60 12.35
N ALA A 121 3.43 -8.30 11.54
CA ALA A 121 2.12 -8.87 11.74
C ALA A 121 2.14 -10.41 11.75
N HIS A 122 2.88 -11.03 10.84
CA HIS A 122 2.90 -12.48 10.78
C HIS A 122 3.50 -13.09 12.04
N GLU A 123 4.60 -12.50 12.54
CA GLU A 123 5.18 -12.97 13.79
C GLU A 123 4.15 -12.91 14.90
N GLN A 124 3.39 -11.83 14.95
CA GLN A 124 2.37 -11.68 15.98
C GLN A 124 1.25 -12.71 15.82
N ALA A 125 0.80 -12.92 14.59
CA ALA A 125 -0.27 -13.88 14.34
C ALA A 125 0.16 -15.28 14.76
N LEU A 126 1.39 -15.65 14.43
CA LEU A 126 1.91 -16.97 14.78
C LEU A 126 2.08 -17.09 16.29
N GLU A 127 2.60 -16.05 16.94
CA GLU A 127 2.79 -16.11 18.40
C GLU A 127 1.43 -16.23 19.11
N THR A 128 0.44 -15.50 18.63
CA THR A 128 -0.88 -15.52 19.25
C THR A 128 -1.60 -16.84 19.02
N GLY A 129 -1.35 -17.47 17.88
CA GLY A 129 -1.91 -18.78 17.62
C GLY A 129 -3.27 -18.74 16.91
N VAL A 130 -3.56 -17.65 16.18
CA VAL A 130 -4.78 -17.62 15.39
C VAL A 130 -4.73 -18.73 14.33
N THR A 131 -5.90 -19.21 13.93
CA THR A 131 -5.94 -20.13 12.79
C THR A 131 -6.46 -19.44 11.53
N VAL A 132 -6.92 -18.20 11.67
CA VAL A 132 -7.33 -17.38 10.54
C VAL A 132 -6.63 -16.04 10.66
N THR A 133 -5.90 -15.65 9.62
CA THR A 133 -5.36 -14.32 9.52
C THR A 133 -5.87 -13.72 8.20
N GLY A 134 -5.12 -12.80 7.59
CA GLY A 134 -5.58 -12.22 6.34
C GLY A 134 -4.83 -10.94 6.05
N CYS A 135 -5.45 -10.11 5.22
CA CYS A 135 -4.85 -8.83 4.87
C CYS A 135 -5.93 -7.78 4.74
N THR A 136 -5.50 -6.52 4.82
CA THR A 136 -6.37 -5.36 4.87
C THR A 136 -5.85 -4.26 3.98
N VAL A 137 -6.72 -3.66 3.17
CA VAL A 137 -6.43 -2.38 2.54
C VAL A 137 -7.24 -1.31 3.24
N HIS A 138 -6.58 -0.26 3.69
CA HIS A 138 -7.25 0.80 4.42
C HIS A 138 -6.77 2.17 3.96
N PHE A 139 -7.61 3.18 4.13
CA PHE A 139 -7.18 4.56 4.00
C PHE A 139 -6.17 4.85 5.10
N VAL A 140 -5.14 5.62 4.77
CA VAL A 140 -4.12 5.97 5.75
C VAL A 140 -4.55 7.17 6.60
N ALA A 141 -4.62 6.95 7.90
CA ALA A 141 -4.88 8.02 8.87
C ALA A 141 -3.60 8.23 9.69
N GLU A 142 -3.57 9.26 10.52
CA GLU A 142 -2.34 9.55 11.27
C GLU A 142 -1.96 8.39 12.17
N ASP A 143 -2.92 7.88 12.92
N ASP A 143 -2.95 7.85 12.88
CA ASP A 143 -2.68 6.71 13.76
CA ASP A 143 -2.75 6.69 13.74
C ASP A 143 -2.42 5.52 12.86
C ASP A 143 -2.46 5.47 12.86
N VAL A 144 -1.27 4.88 13.05
CA VAL A 144 -0.80 3.83 12.14
C VAL A 144 -1.71 2.60 12.15
N ASP A 145 -2.06 2.13 10.95
CA ASP A 145 -2.86 0.92 10.75
C ASP A 145 -4.25 1.04 11.37
N ALA A 146 -4.76 2.26 11.51
CA ALA A 146 -6.04 2.49 12.15
C ALA A 146 -7.05 3.22 11.26
N GLY A 147 -6.66 3.54 10.03
CA GLY A 147 -7.56 4.25 9.13
C GLY A 147 -8.69 3.38 8.60
N GLN A 148 -9.59 3.99 7.86
CA GLN A 148 -10.83 3.32 7.46
C GLN A 148 -10.58 2.16 6.51
N ILE A 149 -11.14 1.00 6.87
CA ILE A 149 -10.95 -0.21 6.10
C ILE A 149 -11.76 -0.22 4.81
N ILE A 150 -11.11 -0.57 3.71
CA ILE A 150 -11.77 -0.63 2.42
C ILE A 150 -12.13 -2.08 2.06
N LEU A 151 -11.13 -2.97 2.04
CA LEU A 151 -11.34 -4.39 1.79
C LEU A 151 -10.46 -5.22 2.69
N GLN A 152 -10.88 -6.46 2.93
CA GLN A 152 -10.11 -7.45 3.67
C GLN A 152 -10.32 -8.80 3.05
N GLU A 153 -9.37 -9.71 3.25
CA GLU A 153 -9.55 -11.09 2.84
C GLU A 153 -8.91 -12.00 3.87
N ALA A 154 -9.68 -12.98 4.34
CA ALA A 154 -9.18 -13.96 5.29
C ALA A 154 -8.31 -15.02 4.62
N VAL A 155 -7.30 -15.48 5.35
CA VAL A 155 -6.34 -16.48 4.88
C VAL A 155 -6.09 -17.44 6.03
N PRO A 156 -6.19 -18.76 5.80
CA PRO A 156 -5.95 -19.70 6.90
C PRO A 156 -4.48 -19.74 7.30
N VAL A 157 -4.25 -20.00 8.59
CA VAL A 157 -2.95 -20.35 9.11
C VAL A 157 -2.90 -21.86 9.18
N LYS A 158 -1.87 -22.47 8.59
CA LYS A 158 -1.71 -23.91 8.63
C LYS A 158 -0.77 -24.27 9.78
N ARG A 159 -1.00 -25.40 10.42
N ARG A 159 -1.01 -25.40 10.43
CA ARG A 159 -0.11 -25.82 11.49
CA ARG A 159 -0.11 -25.83 11.48
C ARG A 159 1.29 -26.06 10.95
C ARG A 159 1.30 -26.00 10.91
N GLY A 160 2.29 -25.52 11.65
CA GLY A 160 3.67 -25.57 11.20
C GLY A 160 4.06 -24.37 10.36
N ASP A 161 3.13 -23.43 10.11
CA ASP A 161 3.48 -22.24 9.35
C ASP A 161 4.61 -21.46 9.98
N THR A 162 5.36 -20.81 9.13
CA THR A 162 6.39 -19.86 9.52
C THR A 162 6.06 -18.53 8.88
N VAL A 163 6.81 -17.48 9.21
CA VAL A 163 6.65 -16.22 8.49
C VAL A 163 6.79 -16.44 6.98
N ALA A 164 7.73 -17.29 6.58
CA ALA A 164 7.93 -17.55 5.16
C ALA A 164 6.69 -18.14 4.50
N THR A 165 6.12 -19.18 5.08
CA THR A 165 4.99 -19.84 4.42
C THR A 165 3.70 -19.05 4.58
N LEU A 166 3.49 -18.43 5.75
CA LEU A 166 2.29 -17.66 5.98
C LEU A 166 2.29 -16.39 5.12
N SER A 167 3.42 -15.69 5.06
N SER A 167 3.42 -15.69 5.06
CA SER A 167 3.47 -14.47 4.26
CA SER A 167 3.49 -14.48 4.26
C SER A 167 3.23 -14.78 2.79
C SER A 167 3.27 -14.76 2.78
N GLU A 168 3.74 -15.91 2.31
CA GLU A 168 3.51 -16.31 0.92
C GLU A 168 2.02 -16.50 0.65
N ARG A 169 1.32 -17.18 1.55
CA ARG A 169 -0.10 -17.43 1.38
C ARG A 169 -0.90 -16.14 1.46
N VAL A 170 -0.57 -15.29 2.41
CA VAL A 170 -1.29 -14.02 2.55
C VAL A 170 -1.05 -13.09 1.35
N LYS A 171 0.16 -13.09 0.79
CA LYS A 171 0.42 -12.24 -0.38
C LYS A 171 -0.49 -12.58 -1.56
N LEU A 172 -0.89 -13.85 -1.71
CA LEU A 172 -1.82 -14.19 -2.79
C LEU A 172 -3.12 -13.41 -2.64
N ALA A 173 -3.55 -13.23 -1.40
CA ALA A 173 -4.75 -12.46 -1.12
C ALA A 173 -4.49 -10.95 -1.27
N GLU A 174 -3.33 -10.48 -0.83
N GLU A 174 -3.32 -10.49 -0.82
CA GLU A 174 -2.99 -9.07 -0.97
CA GLU A 174 -2.96 -9.08 -0.96
C GLU A 174 -3.07 -8.64 -2.42
C GLU A 174 -3.05 -8.64 -2.41
N HIS A 175 -2.59 -9.51 -3.30
CA HIS A 175 -2.56 -9.23 -4.73
C HIS A 175 -3.93 -9.21 -5.37
N LYS A 176 -4.93 -9.70 -4.63
N LYS A 176 -4.95 -9.64 -4.64
CA LYS A 176 -6.32 -9.63 -5.04
CA LYS A 176 -6.32 -9.54 -5.12
C LYS A 176 -6.94 -8.32 -4.55
C LYS A 176 -6.98 -8.28 -4.55
N ILE A 177 -6.89 -8.09 -3.24
CA ILE A 177 -7.62 -6.97 -2.67
C ILE A 177 -6.98 -5.61 -2.92
N PHE A 178 -5.66 -5.51 -3.06
CA PHE A 178 -5.11 -4.16 -3.31
C PHE A 178 -5.57 -3.64 -4.69
N PRO A 179 -5.43 -4.45 -5.76
CA PRO A 179 -5.96 -3.97 -7.05
C PRO A 179 -7.45 -3.66 -6.97
N ALA A 180 -8.22 -4.48 -6.28
CA ALA A 180 -9.66 -4.22 -6.20
C ALA A 180 -9.97 -2.93 -5.46
N ALA A 181 -9.26 -2.69 -4.36
CA ALA A 181 -9.47 -1.46 -3.59
C ALA A 181 -9.04 -0.24 -4.37
N LEU A 182 -7.91 -0.31 -5.07
CA LEU A 182 -7.47 0.82 -5.87
C LEU A 182 -8.53 1.17 -6.92
N GLN A 183 -9.09 0.15 -7.57
CA GLN A 183 -10.12 0.39 -8.58
C GLN A 183 -11.37 1.02 -7.95
N LEU A 184 -11.76 0.57 -6.77
CA LEU A 184 -12.92 1.16 -6.09
C LEU A 184 -12.72 2.65 -5.80
N VAL A 185 -11.52 3.03 -5.35
CA VAL A 185 -11.25 4.42 -5.02
C VAL A 185 -11.06 5.24 -6.30
N ALA A 186 -10.31 4.72 -7.26
CA ALA A 186 -10.03 5.46 -8.48
C ALA A 186 -11.28 5.71 -9.32
N SER A 187 -12.24 4.80 -9.26
CA SER A 187 -13.49 4.96 -10.00
C SER A 187 -14.49 5.84 -9.26
N GLY A 188 -14.18 6.21 -8.03
CA GLY A 188 -15.09 7.02 -7.24
C GLY A 188 -16.20 6.22 -6.60
N THR A 189 -16.10 4.90 -6.63
CA THR A 189 -17.10 4.03 -6.03
C THR A 189 -17.05 4.09 -4.51
N VAL A 190 -15.84 4.19 -3.97
CA VAL A 190 -15.62 4.27 -2.55
C VAL A 190 -14.86 5.54 -2.25
N GLN A 191 -15.30 6.28 -1.25
CA GLN A 191 -14.54 7.43 -0.80
C GLN A 191 -14.58 7.50 0.71
N LEU A 192 -13.67 8.29 1.27
CA LEU A 192 -13.69 8.59 2.69
C LEU A 192 -14.69 9.71 2.91
N GLY A 193 -15.72 9.42 3.69
CA GLY A 193 -16.78 10.39 3.94
C GLY A 193 -16.33 11.54 4.81
N GLU A 194 -17.05 12.65 4.73
CA GLU A 194 -16.75 13.83 5.53
C GLU A 194 -16.80 13.51 7.02
N ASN A 195 -17.70 12.60 7.39
CA ASN A 195 -17.82 12.16 8.77
C ASN A 195 -16.68 11.22 9.18
N GLY A 196 -15.77 10.98 8.25
CA GLY A 196 -14.59 10.19 8.53
C GLY A 196 -14.79 8.70 8.28
N LYS A 197 -16.00 8.30 7.95
CA LYS A 197 -16.28 6.90 7.67
C LYS A 197 -16.33 6.60 6.18
N ILE A 198 -16.13 5.34 5.82
CA ILE A 198 -16.10 4.96 4.41
C ILE A 198 -17.51 5.06 3.81
N CYS A 199 -17.57 5.56 2.58
CA CYS A 199 -18.82 5.75 1.87
C CYS A 199 -18.78 4.98 0.55
N TRP A 200 -19.72 4.06 0.38
CA TRP A 200 -19.91 3.41 -0.91
C TRP A 200 -20.98 4.16 -1.66
N VAL A 201 -20.58 4.80 -2.75
CA VAL A 201 -21.51 5.59 -3.55
C VAL A 201 -22.62 4.76 -4.17
#